data_1WXD
#
_entry.id   1WXD
#
_cell.length_a   62.027
_cell.length_b   71.606
_cell.length_c   113.125
_cell.angle_alpha   90.00
_cell.angle_beta   90.00
_cell.angle_gamma   90.00
#
_symmetry.space_group_name_H-M   'P 21 21 21'
#
loop_
_entity.id
_entity.type
_entity.pdbx_description
1 polymer 'shikimate 5-dehydrogenase'
2 non-polymer 'ACETATE ION'
3 non-polymer 'SULFATE ION'
4 water water
#
_entity_poly.entity_id   1
_entity_poly.type   'polypeptide(L)'
_entity_poly.pdbx_seq_one_letter_code
;MLRFAVLGHPVAHSLSPAMHAFALESLGLEGSYEAWDTPLEALPGRLKEVRRAFRGVNLTLPLKEAALAHLDWVSPEAQR
IGAVNTVLQVEGRLFGFNTDAPGFLEALKAGGIPLKGPALVLGAGGAGRAVAFALREAGLEVWVWNRTPQRALALAEEFG
LRAVPLEKAREARLLVNATRVGLEDPSASPLPAELFPEEGAAVDLVYRPLWTRFLREAKAKGLKVQTGLPMLAWQGALAF
RLWTGLLPDPSGMEEAARRALGV
;
_entity_poly.pdbx_strand_id   A,B
#
loop_
_chem_comp.id
_chem_comp.type
_chem_comp.name
_chem_comp.formula
ACT non-polymer 'ACETATE ION' 'C2 H3 O2 -1'
SO4 non-polymer 'SULFATE ION' 'O4 S -2'
#
# COMPACT_ATOMS: atom_id res chain seq x y z
N MET A 1 14.11 1.80 4.17
CA MET A 1 12.86 2.59 3.98
C MET A 1 12.85 3.36 2.67
N LEU A 2 11.75 3.24 1.95
CA LEU A 2 11.57 3.96 0.70
C LEU A 2 12.60 3.74 -0.38
N ARG A 3 12.55 2.59 -1.02
CA ARG A 3 13.42 2.35 -2.12
C ARG A 3 12.52 2.00 -3.25
N PHE A 4 12.60 2.78 -4.32
CA PHE A 4 11.74 2.57 -5.46
C PHE A 4 12.59 2.32 -6.69
N ALA A 5 11.93 2.11 -7.82
CA ALA A 5 12.64 1.88 -9.06
C ALA A 5 11.65 1.77 -10.19
N VAL A 6 12.13 2.04 -11.40
CA VAL A 6 11.31 1.94 -12.59
C VAL A 6 11.78 0.68 -13.31
N LEU A 7 10.88 -0.29 -13.46
CA LEU A 7 11.23 -1.54 -14.13
C LEU A 7 10.81 -1.48 -15.60
N GLY A 8 11.78 -1.67 -16.48
CA GLY A 8 11.51 -1.63 -17.90
C GLY A 8 12.67 -2.14 -18.73
N HIS A 9 12.41 -2.34 -20.01
CA HIS A 9 13.40 -2.84 -20.96
C HIS A 9 13.17 -2.16 -22.29
N PRO A 10 13.89 -1.06 -22.57
CA PRO A 10 14.92 -0.43 -21.73
C PRO A 10 14.38 0.67 -20.81
N VAL A 11 15.26 1.13 -19.91
CA VAL A 11 14.94 2.19 -18.96
C VAL A 11 16.16 3.07 -18.76
N ALA A 12 17.21 2.76 -19.51
CA ALA A 12 18.48 3.47 -19.44
C ALA A 12 18.40 4.99 -19.27
N HIS A 13 17.45 5.62 -19.95
CA HIS A 13 17.33 7.07 -19.85
C HIS A 13 16.00 7.55 -19.26
N SER A 14 15.40 6.74 -18.39
CA SER A 14 14.14 7.11 -17.78
C SER A 14 14.31 8.42 -17.00
N LEU A 15 13.28 9.26 -17.02
CA LEU A 15 13.36 10.51 -16.29
C LEU A 15 12.78 10.35 -14.90
N SER A 16 12.24 9.17 -14.62
CA SER A 16 11.66 8.88 -13.31
C SER A 16 12.65 9.09 -12.16
N PRO A 17 13.84 8.44 -12.23
CA PRO A 17 14.82 8.62 -11.15
C PRO A 17 14.99 10.09 -10.79
N ALA A 18 15.06 10.94 -11.81
CA ALA A 18 15.22 12.37 -11.58
C ALA A 18 14.01 12.99 -10.87
N MET A 19 12.81 12.72 -11.38
CA MET A 19 11.60 13.27 -10.78
C MET A 19 11.43 12.85 -9.34
N HIS A 20 11.57 11.56 -9.09
CA HIS A 20 11.40 11.01 -7.75
C HIS A 20 12.48 11.43 -6.77
N ALA A 21 13.71 11.62 -7.27
CA ALA A 21 14.79 12.07 -6.41
C ALA A 21 14.32 13.41 -5.86
N PHE A 22 13.70 14.20 -6.74
CA PHE A 22 13.19 15.50 -6.34
C PHE A 22 11.98 15.39 -5.40
N ALA A 23 11.15 14.38 -5.62
CA ALA A 23 9.98 14.16 -4.79
C ALA A 23 10.41 13.94 -3.34
N LEU A 24 11.27 12.94 -3.15
CA LEU A 24 11.80 12.59 -1.84
C LEU A 24 12.44 13.80 -1.16
N GLU A 25 13.34 14.47 -1.87
CA GLU A 25 14.03 15.63 -1.34
C GLU A 25 13.08 16.77 -0.98
N SER A 26 12.19 17.12 -1.91
CA SER A 26 11.24 18.21 -1.67
C SER A 26 10.34 17.92 -0.47
N LEU A 27 10.20 16.64 -0.14
CA LEU A 27 9.38 16.22 0.99
C LEU A 27 10.21 15.89 2.23
N GLY A 28 11.52 16.16 2.15
CA GLY A 28 12.39 15.89 3.28
C GLY A 28 12.36 14.43 3.67
N LEU A 29 12.42 13.55 2.68
CA LEU A 29 12.41 12.12 2.93
C LEU A 29 13.70 11.49 2.41
N GLU A 30 14.15 10.45 3.10
CA GLU A 30 15.34 9.73 2.69
C GLU A 30 14.90 8.54 1.88
N GLY A 31 15.61 8.27 0.80
CA GLY A 31 15.25 7.14 -0.03
C GLY A 31 15.94 7.19 -1.38
N SER A 32 15.54 6.29 -2.27
CA SER A 32 16.14 6.24 -3.60
C SER A 32 15.16 5.69 -4.62
N TYR A 33 15.44 5.97 -5.89
CA TYR A 33 14.61 5.52 -7.00
C TYR A 33 15.57 5.34 -8.17
N GLU A 34 15.81 4.09 -8.54
CA GLU A 34 16.74 3.81 -9.63
C GLU A 34 16.12 3.03 -10.79
N ALA A 35 16.66 3.24 -11.98
CA ALA A 35 16.19 2.53 -13.16
C ALA A 35 16.79 1.13 -13.11
N TRP A 36 15.95 0.11 -13.24
CA TRP A 36 16.43 -1.26 -13.19
C TRP A 36 16.00 -2.02 -14.45
N ASP A 37 16.92 -2.12 -15.41
CA ASP A 37 16.64 -2.81 -16.66
C ASP A 37 15.99 -4.17 -16.37
N THR A 38 14.85 -4.44 -17.00
CA THR A 38 14.14 -5.68 -16.75
C THR A 38 13.41 -6.23 -17.97
N PRO A 39 14.00 -7.24 -18.64
CA PRO A 39 13.36 -7.84 -19.81
C PRO A 39 12.10 -8.58 -19.38
N LEU A 40 11.21 -8.84 -20.33
CA LEU A 40 9.95 -9.52 -20.05
C LEU A 40 10.13 -10.85 -19.30
N GLU A 41 11.10 -11.65 -19.73
CA GLU A 41 11.35 -12.94 -19.10
C GLU A 41 11.88 -12.80 -17.68
N ALA A 42 12.56 -11.68 -17.41
CA ALA A 42 13.12 -11.43 -16.09
C ALA A 42 12.12 -10.82 -15.12
N LEU A 43 10.87 -10.65 -15.57
CA LEU A 43 10.01 -9.95 -14.63
C LEU A 43 9.46 -10.86 -13.50
N PRO A 44 9.14 -12.16 -13.67
CA PRO A 44 8.75 -12.98 -12.51
C PRO A 44 9.75 -12.91 -11.38
N GLY A 45 11.03 -12.96 -11.70
CA GLY A 45 12.06 -12.89 -10.68
C GLY A 45 12.15 -11.50 -10.09
N ARG A 46 12.01 -10.48 -10.93
CA ARG A 46 12.10 -9.10 -10.47
C ARG A 46 11.09 -8.82 -9.36
N LEU A 47 9.83 -9.13 -9.63
CA LEU A 47 8.77 -8.89 -8.67
C LEU A 47 9.00 -9.59 -7.33
N LYS A 48 9.71 -10.72 -7.34
CA LYS A 48 9.99 -11.42 -6.09
C LYS A 48 10.98 -10.59 -5.28
N GLU A 49 11.94 -9.98 -5.98
CA GLU A 49 12.95 -9.15 -5.32
C GLU A 49 12.23 -7.91 -4.77
N VAL A 50 11.31 -7.39 -5.57
CA VAL A 50 10.52 -6.22 -5.21
C VAL A 50 9.87 -6.42 -3.85
N ARG A 51 9.21 -7.57 -3.70
CA ARG A 51 8.49 -7.93 -2.48
C ARG A 51 9.39 -7.93 -1.23
N ARG A 52 10.70 -8.15 -1.43
CA ARG A 52 11.62 -8.22 -0.30
C ARG A 52 12.39 -6.95 0.02
N ALA A 53 12.36 -5.97 -0.87
CA ALA A 53 13.14 -4.77 -0.57
C ALA A 53 12.64 -3.45 -1.14
N PHE A 54 11.58 -3.47 -1.94
CA PHE A 54 11.09 -2.23 -2.52
C PHE A 54 9.69 -1.85 -2.05
N ARG A 55 9.54 -0.58 -1.67
CA ARG A 55 8.27 -0.07 -1.21
C ARG A 55 7.32 0.00 -2.40
N GLY A 56 7.87 0.30 -3.57
CA GLY A 56 7.05 0.40 -4.76
C GLY A 56 7.86 0.59 -6.02
N VAL A 57 7.26 0.26 -7.16
CA VAL A 57 7.95 0.41 -8.45
C VAL A 57 6.98 0.83 -9.56
N ASN A 58 7.52 1.49 -10.57
CA ASN A 58 6.74 1.88 -11.74
C ASN A 58 7.14 0.87 -12.81
N LEU A 59 6.23 0.56 -13.71
CA LEU A 59 6.50 -0.38 -14.78
C LEU A 59 6.31 0.29 -16.15
N THR A 60 7.23 0.03 -17.06
CA THR A 60 7.15 0.60 -18.41
C THR A 60 7.25 -0.55 -19.41
N LEU A 61 7.45 -0.20 -20.68
CA LEU A 61 7.57 -1.22 -21.72
C LEU A 61 8.69 -2.19 -21.44
N PRO A 62 8.43 -3.50 -21.62
CA PRO A 62 7.15 -4.05 -22.07
C PRO A 62 6.59 -4.91 -20.94
N LEU A 63 6.45 -4.32 -19.75
CA LEU A 63 6.00 -5.06 -18.58
C LEU A 63 4.60 -4.75 -18.05
N LYS A 64 4.13 -3.54 -18.33
CA LYS A 64 2.83 -3.08 -17.86
C LYS A 64 1.66 -4.05 -17.96
N GLU A 65 1.59 -4.81 -19.05
CA GLU A 65 0.48 -5.74 -19.22
C GLU A 65 0.72 -7.15 -18.70
N ALA A 66 1.96 -7.62 -18.77
CA ALA A 66 2.29 -8.95 -18.29
C ALA A 66 2.30 -8.99 -16.76
N ALA A 67 2.48 -7.82 -16.16
CA ALA A 67 2.55 -7.70 -14.70
C ALA A 67 1.32 -8.16 -13.93
N LEU A 68 0.13 -7.89 -14.47
CA LEU A 68 -1.13 -8.26 -13.81
C LEU A 68 -1.19 -9.68 -13.25
N ALA A 69 -0.74 -10.66 -14.04
CA ALA A 69 -0.78 -12.04 -13.61
C ALA A 69 0.13 -12.34 -12.40
N HIS A 70 1.12 -11.49 -12.16
CA HIS A 70 2.04 -11.72 -11.03
C HIS A 70 1.75 -10.83 -9.84
N LEU A 71 0.51 -10.40 -9.66
CA LEU A 71 0.18 -9.54 -8.54
C LEU A 71 -0.91 -10.13 -7.63
N ASP A 72 -0.93 -9.68 -6.38
CA ASP A 72 -1.92 -10.16 -5.42
C ASP A 72 -3.26 -9.51 -5.61
N TRP A 73 -3.26 -8.26 -6.08
CA TRP A 73 -4.47 -7.50 -6.29
C TRP A 73 -4.21 -6.46 -7.39
N VAL A 74 -5.25 -6.19 -8.19
CA VAL A 74 -5.14 -5.21 -9.28
C VAL A 74 -6.39 -4.34 -9.24
N SER A 75 -6.22 -3.02 -9.27
CA SER A 75 -7.36 -2.11 -9.22
C SER A 75 -8.34 -2.32 -10.37
N PRO A 76 -9.62 -2.03 -10.13
CA PRO A 76 -10.64 -2.19 -11.17
C PRO A 76 -10.24 -1.45 -12.45
N GLU A 77 -9.70 -0.24 -12.29
CA GLU A 77 -9.28 0.56 -13.44
C GLU A 77 -8.10 -0.07 -14.17
N ALA A 78 -7.11 -0.54 -13.41
CA ALA A 78 -5.94 -1.16 -14.01
C ALA A 78 -6.38 -2.43 -14.74
N GLN A 79 -7.37 -3.12 -14.19
CA GLN A 79 -7.86 -4.35 -14.82
C GLN A 79 -8.52 -4.03 -16.15
N ARG A 80 -9.40 -3.03 -16.15
CA ARG A 80 -10.08 -2.61 -17.37
C ARG A 80 -9.08 -2.15 -18.41
N ILE A 81 -8.17 -1.27 -18.02
CA ILE A 81 -7.16 -0.76 -18.93
C ILE A 81 -6.30 -1.93 -19.40
N GLY A 82 -6.08 -2.89 -18.51
CA GLY A 82 -5.28 -4.05 -18.85
C GLY A 82 -3.80 -3.85 -18.60
N ALA A 83 -3.45 -2.74 -17.94
CA ALA A 83 -2.05 -2.47 -17.67
C ALA A 83 -1.80 -1.80 -16.32
N VAL A 84 -0.69 -2.16 -15.70
CA VAL A 84 -0.29 -1.60 -14.42
C VAL A 84 1.02 -0.84 -14.59
N ASN A 85 1.04 0.42 -14.18
CA ASN A 85 2.26 1.21 -14.30
C ASN A 85 2.81 1.50 -12.90
N THR A 86 2.01 1.16 -11.89
CA THR A 86 2.42 1.40 -10.52
C THR A 86 2.12 0.24 -9.58
N VAL A 87 3.15 -0.27 -8.93
CA VAL A 87 3.02 -1.37 -7.99
C VAL A 87 3.41 -0.94 -6.58
N LEU A 88 2.62 -1.36 -5.60
CA LEU A 88 2.88 -1.05 -4.20
C LEU A 88 3.16 -2.34 -3.45
N GLN A 89 4.23 -2.35 -2.65
CA GLN A 89 4.57 -3.52 -1.86
C GLN A 89 4.32 -3.24 -0.38
N VAL A 90 3.52 -4.10 0.23
CA VAL A 90 3.19 -4.01 1.65
C VAL A 90 3.17 -5.44 2.19
N GLU A 91 3.87 -5.67 3.28
CA GLU A 91 3.95 -7.00 3.89
C GLU A 91 4.26 -8.06 2.85
N GLY A 92 5.04 -7.70 1.85
CA GLY A 92 5.42 -8.66 0.82
C GLY A 92 4.37 -8.89 -0.25
N ARG A 93 3.19 -8.30 -0.09
CA ARG A 93 2.12 -8.45 -1.08
C ARG A 93 2.28 -7.34 -2.12
N LEU A 94 1.88 -7.61 -3.36
CA LEU A 94 1.98 -6.64 -4.44
C LEU A 94 0.62 -6.21 -4.97
N PHE A 95 0.40 -4.90 -5.04
CA PHE A 95 -0.86 -4.35 -5.51
C PHE A 95 -0.61 -3.50 -6.74
N GLY A 96 -1.40 -3.72 -7.79
CA GLY A 96 -1.20 -2.98 -9.03
C GLY A 96 -2.23 -1.87 -9.28
N PHE A 97 -1.73 -0.71 -9.68
CA PHE A 97 -2.59 0.44 -9.98
C PHE A 97 -2.16 1.05 -11.31
N ASN A 98 -2.98 1.95 -11.83
CA ASN A 98 -2.63 2.63 -13.06
C ASN A 98 -2.75 4.14 -12.81
N THR A 99 -1.61 4.82 -12.79
CA THR A 99 -1.64 6.26 -12.56
C THR A 99 -1.54 7.02 -13.88
N ASP A 100 -1.43 6.29 -14.98
CA ASP A 100 -1.37 6.93 -16.30
C ASP A 100 -2.71 7.59 -16.61
N ALA A 101 -3.80 6.86 -16.39
CA ALA A 101 -5.15 7.37 -16.66
C ALA A 101 -5.47 8.62 -15.82
N PRO A 102 -5.43 8.51 -14.48
CA PRO A 102 -5.73 9.71 -13.69
C PRO A 102 -4.67 10.79 -13.91
N GLY A 103 -3.42 10.36 -14.12
CA GLY A 103 -2.36 11.31 -14.36
C GLY A 103 -2.59 12.13 -15.61
N PHE A 104 -3.09 11.48 -16.66
CA PHE A 104 -3.35 12.19 -17.91
C PHE A 104 -4.35 13.30 -17.68
N LEU A 105 -5.45 13.01 -16.97
CA LEU A 105 -6.46 14.03 -16.72
C LEU A 105 -5.98 15.21 -15.88
N GLU A 106 -5.18 14.93 -14.85
CA GLU A 106 -4.66 16.01 -14.01
C GLU A 106 -3.74 16.90 -14.86
N ALA A 107 -2.93 16.26 -15.70
CA ALA A 107 -2.00 16.98 -16.57
C ALA A 107 -2.76 17.97 -17.45
N LEU A 108 -3.84 17.50 -18.08
CA LEU A 108 -4.64 18.37 -18.95
C LEU A 108 -5.17 19.55 -18.15
N LYS A 109 -5.76 19.22 -17.00
CA LYS A 109 -6.34 20.21 -16.10
C LYS A 109 -5.31 21.27 -15.72
N ALA A 110 -4.23 20.84 -15.09
CA ALA A 110 -3.16 21.75 -14.66
C ALA A 110 -2.59 22.56 -15.82
N GLY A 111 -2.49 21.94 -16.99
CA GLY A 111 -1.94 22.63 -18.15
C GLY A 111 -2.89 23.61 -18.80
N GLY A 112 -4.09 23.77 -18.23
CA GLY A 112 -5.03 24.70 -18.82
C GLY A 112 -5.65 24.18 -20.10
N ILE A 113 -5.93 22.89 -20.14
CA ILE A 113 -6.55 22.27 -21.32
C ILE A 113 -7.84 21.59 -20.89
N PRO A 114 -8.96 22.32 -20.89
CA PRO A 114 -10.24 21.75 -20.50
C PRO A 114 -10.74 20.65 -21.43
N LEU A 115 -11.55 19.76 -20.86
CA LEU A 115 -12.11 18.64 -21.57
C LEU A 115 -13.16 19.03 -22.59
N LYS A 116 -12.79 18.99 -23.86
CA LYS A 116 -13.72 19.29 -24.93
C LYS A 116 -13.47 18.31 -26.06
N GLY A 117 -14.49 17.51 -26.36
CA GLY A 117 -14.37 16.53 -27.43
C GLY A 117 -15.00 17.04 -28.71
N PRO A 118 -15.13 16.16 -29.72
CA PRO A 118 -14.71 14.77 -29.69
C PRO A 118 -13.21 14.65 -29.46
N ALA A 119 -12.80 13.62 -28.74
CA ALA A 119 -11.38 13.41 -28.47
C ALA A 119 -10.89 12.23 -29.31
N LEU A 120 -9.89 12.47 -30.15
CA LEU A 120 -9.32 11.43 -30.98
C LEU A 120 -7.99 10.96 -30.40
N VAL A 121 -7.96 9.69 -30.02
CA VAL A 121 -6.77 9.07 -29.47
C VAL A 121 -6.11 8.25 -30.57
N LEU A 122 -4.88 8.61 -30.93
CA LEU A 122 -4.15 7.89 -31.96
C LEU A 122 -3.31 6.81 -31.28
N GLY A 123 -3.56 5.56 -31.68
CA GLY A 123 -2.83 4.45 -31.10
C GLY A 123 -3.76 3.67 -30.18
N ALA A 124 -4.08 2.45 -30.56
CA ALA A 124 -4.96 1.61 -29.75
C ALA A 124 -4.15 0.64 -28.91
N GLY A 125 -2.87 0.96 -28.70
CA GLY A 125 -2.01 0.10 -27.91
C GLY A 125 -2.19 0.34 -26.42
N GLY A 126 -1.14 0.06 -25.64
CA GLY A 126 -1.23 0.25 -24.21
C GLY A 126 -1.49 1.69 -23.79
N ALA A 127 -0.61 2.59 -24.20
CA ALA A 127 -0.75 4.01 -23.86
C ALA A 127 -2.11 4.54 -24.32
N GLY A 128 -2.54 4.10 -25.50
CA GLY A 128 -3.81 4.55 -26.03
C GLY A 128 -4.95 4.09 -25.15
N ARG A 129 -4.90 2.85 -24.70
CA ARG A 129 -5.95 2.30 -23.84
C ARG A 129 -6.09 3.12 -22.56
N ALA A 130 -4.96 3.50 -21.96
CA ALA A 130 -4.99 4.27 -20.73
C ALA A 130 -5.64 5.64 -20.93
N VAL A 131 -5.25 6.33 -22.00
CA VAL A 131 -5.78 7.64 -22.32
C VAL A 131 -7.26 7.57 -22.69
N ALA A 132 -7.63 6.57 -23.50
CA ALA A 132 -9.01 6.39 -23.92
C ALA A 132 -9.89 6.13 -22.70
N PHE A 133 -9.41 5.29 -21.79
CA PHE A 133 -10.14 4.96 -20.58
C PHE A 133 -10.43 6.24 -19.81
N ALA A 134 -9.40 7.06 -19.65
CA ALA A 134 -9.52 8.31 -18.90
C ALA A 134 -10.52 9.30 -19.51
N LEU A 135 -10.45 9.46 -20.83
CA LEU A 135 -11.34 10.38 -21.51
C LEU A 135 -12.78 9.89 -21.49
N ARG A 136 -12.97 8.58 -21.50
CA ARG A 136 -14.32 8.02 -21.46
C ARG A 136 -14.86 8.30 -20.07
N GLU A 137 -14.00 8.10 -19.08
CA GLU A 137 -14.34 8.34 -17.69
C GLU A 137 -14.79 9.79 -17.52
N ALA A 138 -14.09 10.70 -18.19
CA ALA A 138 -14.39 12.12 -18.09
C ALA A 138 -15.66 12.51 -18.82
N GLY A 139 -16.28 11.54 -19.50
CA GLY A 139 -17.52 11.81 -20.21
C GLY A 139 -17.43 12.42 -21.59
N LEU A 140 -16.24 12.47 -22.19
CA LEU A 140 -16.13 13.03 -23.53
C LEU A 140 -16.47 11.97 -24.56
N GLU A 141 -16.79 12.39 -25.78
CA GLU A 141 -17.06 11.45 -26.85
C GLU A 141 -15.67 11.06 -27.33
N VAL A 142 -15.34 9.77 -27.27
CA VAL A 142 -14.02 9.34 -27.67
C VAL A 142 -13.92 8.51 -28.94
N TRP A 143 -13.02 8.95 -29.82
CA TRP A 143 -12.77 8.22 -31.06
C TRP A 143 -11.37 7.63 -30.94
N VAL A 144 -11.12 6.53 -31.63
CA VAL A 144 -9.80 5.93 -31.58
C VAL A 144 -9.39 5.47 -32.98
N TRP A 145 -8.10 5.59 -33.27
CA TRP A 145 -7.55 5.20 -34.56
C TRP A 145 -6.32 4.37 -34.29
N ASN A 146 -5.97 3.53 -35.25
CA ASN A 146 -4.79 2.68 -35.12
C ASN A 146 -4.36 2.31 -36.54
N ARG A 147 -3.05 2.24 -36.76
CA ARG A 147 -2.53 1.89 -38.08
C ARG A 147 -3.21 0.60 -38.54
N THR A 148 -3.35 -0.34 -37.60
CA THR A 148 -4.04 -1.59 -37.88
C THR A 148 -5.48 -1.33 -37.47
N PRO A 149 -6.41 -1.27 -38.45
CA PRO A 149 -7.83 -1.00 -38.20
C PRO A 149 -8.48 -1.89 -37.15
N GLN A 150 -8.17 -3.18 -37.19
CA GLN A 150 -8.74 -4.16 -36.28
C GLN A 150 -8.61 -3.79 -34.80
N ARG A 151 -7.42 -3.36 -34.41
CA ARG A 151 -7.17 -3.00 -33.01
C ARG A 151 -8.05 -1.84 -32.55
N ALA A 152 -8.22 -0.84 -33.41
CA ALA A 152 -9.04 0.30 -33.04
C ALA A 152 -10.49 -0.13 -32.94
N LEU A 153 -10.92 -0.99 -33.85
CA LEU A 153 -12.30 -1.48 -33.86
C LEU A 153 -12.58 -2.30 -32.62
N ALA A 154 -11.65 -3.17 -32.25
CA ALA A 154 -11.81 -4.01 -31.07
C ALA A 154 -11.88 -3.14 -29.81
N LEU A 155 -10.95 -2.18 -29.69
CA LEU A 155 -10.93 -1.29 -28.54
C LEU A 155 -12.24 -0.50 -28.41
N ALA A 156 -12.75 0.02 -29.52
CA ALA A 156 -13.99 0.79 -29.52
C ALA A 156 -15.17 -0.04 -29.03
N GLU A 157 -15.20 -1.32 -29.39
CA GLU A 157 -16.28 -2.20 -28.97
C GLU A 157 -16.11 -2.49 -27.48
N GLU A 158 -14.86 -2.71 -27.09
CA GLU A 158 -14.53 -3.01 -25.71
C GLU A 158 -14.91 -1.90 -24.74
N PHE A 159 -14.51 -0.66 -25.06
CA PHE A 159 -14.78 0.48 -24.19
C PHE A 159 -16.04 1.26 -24.54
N GLY A 160 -16.71 0.86 -25.61
CA GLY A 160 -17.91 1.56 -26.03
C GLY A 160 -17.58 2.89 -26.68
N LEU A 161 -16.51 2.91 -27.47
CA LEU A 161 -16.08 4.11 -28.17
C LEU A 161 -16.35 3.98 -29.68
N ARG A 162 -15.72 4.82 -30.50
CA ARG A 162 -15.90 4.76 -31.94
C ARG A 162 -14.59 4.77 -32.71
N ALA A 163 -14.34 3.72 -33.48
CA ALA A 163 -13.12 3.65 -34.28
C ALA A 163 -13.36 4.52 -35.50
N VAL A 164 -12.37 5.33 -35.85
CA VAL A 164 -12.52 6.22 -36.99
C VAL A 164 -11.27 6.26 -37.85
N PRO A 165 -11.41 6.72 -39.11
CA PRO A 165 -10.27 6.83 -40.01
C PRO A 165 -9.59 8.18 -39.69
N LEU A 166 -8.30 8.31 -40.01
CA LEU A 166 -7.55 9.53 -39.73
C LEU A 166 -8.21 10.84 -40.15
N GLU A 167 -8.97 10.80 -41.23
CA GLU A 167 -9.63 12.01 -41.72
C GLU A 167 -10.55 12.66 -40.69
N LYS A 168 -11.08 11.85 -39.76
CA LYS A 168 -11.98 12.39 -38.75
C LYS A 168 -11.26 13.31 -37.77
N ALA A 169 -9.94 13.41 -37.91
CA ALA A 169 -9.17 14.26 -37.01
C ALA A 169 -9.61 15.71 -37.20
N ARG A 170 -10.09 16.03 -38.40
CA ARG A 170 -10.56 17.37 -38.71
C ARG A 170 -11.74 17.80 -37.83
N GLU A 171 -12.49 16.83 -37.31
CA GLU A 171 -13.64 17.15 -36.47
C GLU A 171 -13.39 16.96 -34.97
N ALA A 172 -12.20 16.47 -34.63
CA ALA A 172 -11.85 16.27 -33.22
C ALA A 172 -11.41 17.60 -32.62
N ARG A 173 -11.62 17.77 -31.31
CA ARG A 173 -11.23 19.00 -30.63
C ARG A 173 -10.07 18.73 -29.67
N LEU A 174 -9.84 17.46 -29.40
CA LEU A 174 -8.73 17.06 -28.53
C LEU A 174 -8.04 15.90 -29.22
N LEU A 175 -6.76 16.08 -29.52
CA LEU A 175 -5.96 15.05 -30.18
C LEU A 175 -4.85 14.57 -29.27
N VAL A 176 -4.70 13.26 -29.16
CA VAL A 176 -3.63 12.71 -28.34
C VAL A 176 -2.88 11.64 -29.11
N ASN A 177 -1.57 11.82 -29.22
CA ASN A 177 -0.77 10.82 -29.90
C ASN A 177 -0.29 9.81 -28.87
N ALA A 178 -0.81 8.59 -28.94
CA ALA A 178 -0.40 7.55 -28.02
C ALA A 178 0.36 6.47 -28.78
N THR A 179 0.81 6.79 -30.00
CA THR A 179 1.57 5.84 -30.80
C THR A 179 3.05 6.12 -30.51
N ARG A 180 3.95 5.34 -31.12
CA ARG A 180 5.37 5.57 -30.92
C ARG A 180 5.94 6.36 -32.13
N VAL A 181 5.08 6.65 -33.10
CA VAL A 181 5.50 7.40 -34.28
C VAL A 181 6.01 8.79 -33.85
N GLY A 182 7.21 9.15 -34.29
CA GLY A 182 7.77 10.43 -33.91
C GLY A 182 8.81 10.27 -32.81
N LEU A 183 8.83 9.12 -32.16
CA LEU A 183 9.80 8.87 -31.09
C LEU A 183 11.21 8.97 -31.64
N GLU A 184 11.94 9.98 -31.20
CA GLU A 184 13.31 10.22 -31.65
C GLU A 184 13.40 10.32 -33.17
N ASP A 185 12.32 10.79 -33.79
CA ASP A 185 12.27 10.96 -35.23
C ASP A 185 11.50 12.23 -35.58
N PRO A 186 12.19 13.38 -35.65
CA PRO A 186 11.56 14.66 -35.98
C PRO A 186 10.84 14.70 -37.32
N SER A 187 11.14 13.75 -38.21
CA SER A 187 10.49 13.74 -39.52
C SER A 187 9.19 12.96 -39.55
N ALA A 188 8.94 12.18 -38.50
CA ALA A 188 7.72 11.37 -38.45
C ALA A 188 6.61 11.88 -37.57
N SER A 189 5.39 11.72 -38.05
CA SER A 189 4.17 12.13 -37.35
C SER A 189 3.05 11.17 -37.73
N PRO A 190 2.25 10.74 -36.76
CA PRO A 190 1.14 9.82 -37.04
C PRO A 190 -0.01 10.45 -37.82
N LEU A 191 -0.08 11.78 -37.82
CA LEU A 191 -1.17 12.47 -38.53
C LEU A 191 -0.68 13.44 -39.59
N PRO A 192 -1.12 13.25 -40.84
CA PRO A 192 -0.72 14.15 -41.93
C PRO A 192 -1.16 15.56 -41.57
N ALA A 193 -0.30 16.54 -41.83
CA ALA A 193 -0.61 17.93 -41.50
C ALA A 193 -1.98 18.41 -41.96
N GLU A 194 -2.39 18.05 -43.17
CA GLU A 194 -3.67 18.51 -43.70
C GLU A 194 -4.91 17.96 -42.98
N LEU A 195 -4.74 16.99 -42.10
CA LEU A 195 -5.88 16.42 -41.39
C LEU A 195 -6.11 17.04 -40.00
N PHE A 196 -5.20 17.89 -39.57
CA PHE A 196 -5.34 18.54 -38.26
C PHE A 196 -6.51 19.52 -38.25
N PRO A 197 -7.28 19.56 -37.14
CA PRO A 197 -8.38 20.50 -37.12
C PRO A 197 -7.78 21.89 -37.01
N GLU A 198 -8.60 22.93 -37.11
CA GLU A 198 -8.06 24.27 -37.02
C GLU A 198 -8.38 24.93 -35.69
N GLU A 199 -8.87 24.13 -34.76
CA GLU A 199 -9.21 24.60 -33.42
C GLU A 199 -9.20 23.39 -32.50
N GLY A 200 -8.90 23.61 -31.23
CA GLY A 200 -8.86 22.52 -30.28
C GLY A 200 -7.52 22.45 -29.58
N ALA A 201 -7.13 21.25 -29.14
CA ALA A 201 -5.86 21.08 -28.44
C ALA A 201 -5.20 19.77 -28.85
N ALA A 202 -3.88 19.69 -28.68
CA ALA A 202 -3.15 18.49 -29.03
C ALA A 202 -2.12 18.14 -27.97
N VAL A 203 -2.11 16.86 -27.57
CA VAL A 203 -1.18 16.37 -26.55
C VAL A 203 -0.39 15.21 -27.12
N ASP A 204 0.93 15.24 -26.94
CA ASP A 204 1.77 14.15 -27.43
C ASP A 204 2.44 13.46 -26.25
N LEU A 205 2.28 12.15 -26.16
CA LEU A 205 2.88 11.39 -25.07
C LEU A 205 4.38 11.22 -25.31
N VAL A 206 4.80 11.36 -26.56
CA VAL A 206 6.21 11.26 -26.89
C VAL A 206 6.89 12.55 -26.44
N TYR A 207 7.97 12.43 -25.67
CA TYR A 207 8.68 13.63 -25.22
C TYR A 207 10.14 13.67 -25.64
N ARG A 208 10.52 12.77 -26.55
CA ARG A 208 11.88 12.75 -27.09
C ARG A 208 11.76 12.58 -28.60
N PRO A 209 11.88 13.68 -29.37
CA PRO A 209 12.15 15.05 -28.91
C PRO A 209 10.97 15.63 -28.15
N LEU A 210 11.22 16.73 -27.46
CA LEU A 210 10.18 17.40 -26.68
C LEU A 210 9.15 17.97 -27.65
N TRP A 211 9.61 18.72 -28.65
CA TRP A 211 8.68 19.26 -29.62
C TRP A 211 8.66 18.41 -30.89
N THR A 212 7.87 17.36 -30.83
CA THR A 212 7.71 16.40 -31.91
C THR A 212 7.14 17.05 -33.16
N ARG A 213 7.21 16.34 -34.28
CA ARG A 213 6.67 16.85 -35.53
C ARG A 213 5.18 17.06 -35.34
N PHE A 214 4.56 16.14 -34.62
CA PHE A 214 3.12 16.16 -34.32
C PHE A 214 2.72 17.46 -33.63
N LEU A 215 3.40 17.80 -32.54
CA LEU A 215 3.09 19.02 -31.80
C LEU A 215 3.38 20.28 -32.61
N ARG A 216 4.43 20.24 -33.42
CA ARG A 216 4.78 21.40 -34.25
C ARG A 216 3.69 21.64 -35.29
N GLU A 217 3.12 20.56 -35.83
CA GLU A 217 2.04 20.69 -36.81
C GLU A 217 0.80 21.26 -36.14
N ALA A 218 0.45 20.72 -34.98
CA ALA A 218 -0.72 21.20 -34.25
C ALA A 218 -0.53 22.67 -33.84
N LYS A 219 0.64 23.00 -33.32
CA LYS A 219 0.89 24.38 -32.91
C LYS A 219 0.78 25.30 -34.11
N ALA A 220 1.28 24.84 -35.27
CA ALA A 220 1.23 25.65 -36.48
C ALA A 220 -0.21 25.88 -36.93
N LYS A 221 -1.11 24.99 -36.51
CA LYS A 221 -2.51 25.11 -36.89
C LYS A 221 -3.29 25.92 -35.85
N GLY A 222 -2.56 26.49 -34.90
CA GLY A 222 -3.20 27.30 -33.86
C GLY A 222 -3.84 26.53 -32.73
N LEU A 223 -3.53 25.25 -32.61
CA LEU A 223 -4.10 24.44 -31.54
C LEU A 223 -3.30 24.64 -30.25
N LYS A 224 -3.98 24.54 -29.12
CA LYS A 224 -3.27 24.68 -27.86
C LYS A 224 -2.53 23.35 -27.71
N VAL A 225 -1.25 23.39 -27.37
CA VAL A 225 -0.49 22.14 -27.25
C VAL A 225 0.15 21.84 -25.91
N GLN A 226 0.33 20.55 -25.64
CA GLN A 226 0.97 20.10 -24.40
C GLN A 226 1.94 18.97 -24.74
N THR A 227 3.13 19.02 -24.15
CA THR A 227 4.14 17.99 -24.38
C THR A 227 3.82 16.80 -23.50
N GLY A 228 4.66 15.77 -23.53
CA GLY A 228 4.42 14.59 -22.72
C GLY A 228 4.95 14.65 -21.29
N LEU A 229 5.66 15.72 -20.95
CA LEU A 229 6.22 15.86 -19.62
C LEU A 229 5.17 16.00 -18.51
N PRO A 230 4.13 16.81 -18.74
CA PRO A 230 3.13 16.93 -17.67
C PRO A 230 2.53 15.58 -17.27
N MET A 231 2.13 14.78 -18.25
CA MET A 231 1.55 13.49 -17.94
C MET A 231 2.57 12.63 -17.20
N LEU A 232 3.82 12.65 -17.67
CA LEU A 232 4.90 11.90 -17.04
C LEU A 232 5.02 12.30 -15.58
N ALA A 233 5.01 13.60 -15.32
CA ALA A 233 5.13 14.12 -13.97
C ALA A 233 3.96 13.68 -13.08
N TRP A 234 2.74 13.90 -13.55
CA TRP A 234 1.56 13.54 -12.77
C TRP A 234 1.41 12.04 -12.47
N GLN A 235 1.73 11.18 -13.43
CA GLN A 235 1.59 9.75 -13.18
C GLN A 235 2.61 9.35 -12.13
N GLY A 236 3.73 10.06 -12.11
CA GLY A 236 4.77 9.78 -11.13
C GLY A 236 4.36 10.30 -9.76
N ALA A 237 3.86 11.53 -9.72
CA ALA A 237 3.42 12.15 -8.48
C ALA A 237 2.32 11.30 -7.83
N LEU A 238 1.32 10.91 -8.61
CA LEU A 238 0.22 10.10 -8.09
C LEU A 238 0.75 8.77 -7.57
N ALA A 239 1.72 8.20 -8.28
CA ALA A 239 2.31 6.95 -7.85
C ALA A 239 2.96 7.16 -6.48
N PHE A 240 3.67 8.28 -6.34
CA PHE A 240 4.35 8.59 -5.08
C PHE A 240 3.36 8.66 -3.91
N ARG A 241 2.20 9.26 -4.17
CA ARG A 241 1.17 9.37 -3.13
C ARG A 241 0.67 7.97 -2.81
N LEU A 242 0.53 7.15 -3.84
CA LEU A 242 0.09 5.77 -3.69
C LEU A 242 1.02 5.08 -2.70
N TRP A 243 2.32 5.22 -2.94
CA TRP A 243 3.34 4.61 -2.11
C TRP A 243 3.49 5.16 -0.69
N THR A 244 3.35 6.46 -0.53
CA THR A 244 3.56 7.06 0.78
C THR A 244 2.41 7.80 1.42
N GLY A 245 1.49 8.30 0.60
CA GLY A 245 0.36 9.04 1.12
C GLY A 245 0.64 10.53 0.99
N LEU A 246 1.78 10.85 0.39
CA LEU A 246 2.19 12.24 0.19
C LEU A 246 2.23 12.56 -1.30
N LEU A 247 1.77 13.75 -1.67
CA LEU A 247 1.76 14.15 -3.08
C LEU A 247 2.82 15.18 -3.40
N PRO A 248 3.92 14.74 -4.05
CA PRO A 248 4.98 15.69 -4.40
C PRO A 248 4.48 16.68 -5.45
N ASP A 249 5.09 17.86 -5.51
CA ASP A 249 4.67 18.89 -6.46
C ASP A 249 4.87 18.41 -7.90
N PRO A 250 3.76 18.28 -8.65
CA PRO A 250 3.84 17.83 -10.06
C PRO A 250 4.69 18.75 -10.94
N SER A 251 4.55 20.06 -10.74
CA SER A 251 5.34 21.01 -11.52
C SER A 251 6.82 20.82 -11.22
N GLY A 252 7.13 20.63 -9.94
CA GLY A 252 8.52 20.42 -9.55
C GLY A 252 9.08 19.18 -10.20
N MET A 253 8.28 18.12 -10.28
CA MET A 253 8.74 16.89 -10.90
C MET A 253 8.91 17.05 -12.41
N GLU A 254 8.00 17.78 -13.04
CA GLU A 254 8.12 18.01 -14.48
C GLU A 254 9.42 18.75 -14.73
N GLU A 255 9.67 19.75 -13.90
CA GLU A 255 10.88 20.56 -14.02
C GLU A 255 12.12 19.68 -13.89
N ALA A 256 12.13 18.83 -12.87
CA ALA A 256 13.26 17.92 -12.65
C ALA A 256 13.45 17.06 -13.89
N ALA A 257 12.35 16.60 -14.46
CA ALA A 257 12.40 15.76 -15.65
C ALA A 257 13.01 16.56 -16.81
N ARG A 258 12.55 17.78 -16.98
CA ARG A 258 13.04 18.65 -18.06
C ARG A 258 14.56 18.77 -17.99
N ARG A 259 15.05 19.23 -16.83
CA ARG A 259 16.48 19.40 -16.65
C ARG A 259 17.26 18.10 -16.88
N ALA A 260 16.59 16.98 -16.69
CA ALA A 260 17.21 15.67 -16.88
C ALA A 260 17.27 15.27 -18.35
N LEU A 261 16.48 15.95 -19.19
CA LEU A 261 16.46 15.67 -20.62
C LEU A 261 17.59 16.39 -21.34
N GLY A 262 18.13 17.41 -20.67
CA GLY A 262 19.21 18.18 -21.26
C GLY A 262 18.64 19.42 -21.93
N VAL A 263 17.32 19.57 -21.82
CA VAL A 263 16.61 20.72 -22.39
C VAL A 263 16.38 21.77 -21.31
N MET B 1 -1.85 16.62 4.49
CA MET B 1 -1.48 16.02 5.80
C MET B 1 -1.96 14.58 5.93
N LEU B 2 -1.09 13.71 6.43
CA LEU B 2 -1.43 12.31 6.63
C LEU B 2 -2.50 12.28 7.71
N ARG B 3 -3.61 11.59 7.45
CA ARG B 3 -4.70 11.50 8.44
C ARG B 3 -4.91 10.06 8.90
N PHE B 4 -4.66 9.83 10.18
CA PHE B 4 -4.83 8.50 10.76
C PHE B 4 -5.77 8.54 11.96
N ALA B 5 -6.19 7.36 12.41
CA ALA B 5 -7.08 7.24 13.56
C ALA B 5 -7.23 5.80 14.01
N VAL B 6 -7.64 5.62 15.26
CA VAL B 6 -8.03 4.33 15.76
C VAL B 6 -9.53 4.28 15.99
N LEU B 7 -10.17 3.27 15.38
CA LEU B 7 -11.62 3.19 15.57
C LEU B 7 -11.99 1.96 16.39
N GLY B 8 -12.78 2.25 17.42
CA GLY B 8 -13.25 1.21 18.30
C GLY B 8 -14.10 1.85 19.39
N HIS B 9 -14.63 1.01 20.27
CA HIS B 9 -15.44 1.47 21.38
C HIS B 9 -15.17 0.50 22.53
N PRO B 10 -14.46 0.95 23.58
CA PRO B 10 -13.91 2.30 23.77
C PRO B 10 -12.54 2.49 23.12
N VAL B 11 -12.08 3.73 23.12
CA VAL B 11 -10.77 4.07 22.55
C VAL B 11 -10.20 5.25 23.33
N ALA B 12 -10.95 5.71 24.33
CA ALA B 12 -10.52 6.84 25.15
C ALA B 12 -9.18 6.59 25.84
N HIS B 13 -8.83 5.32 26.02
CA HIS B 13 -7.58 4.96 26.69
C HIS B 13 -6.53 4.30 25.80
N SER B 14 -6.74 4.34 24.48
CA SER B 14 -5.78 3.74 23.56
C SER B 14 -4.46 4.47 23.67
N LEU B 15 -3.35 3.73 23.50
CA LEU B 15 -2.03 4.33 23.56
C LEU B 15 -1.54 4.66 22.15
N SER B 16 -2.30 4.24 21.15
CA SER B 16 -1.93 4.48 19.75
C SER B 16 -1.76 5.97 19.41
N PRO B 17 -2.71 6.82 19.81
CA PRO B 17 -2.55 8.25 19.48
C PRO B 17 -1.20 8.81 19.94
N ALA B 18 -0.75 8.42 21.13
CA ALA B 18 0.53 8.90 21.66
C ALA B 18 1.71 8.37 20.85
N MET B 19 1.70 7.07 20.57
CA MET B 19 2.78 6.45 19.82
C MET B 19 2.92 7.05 18.42
N HIS B 20 1.81 7.09 17.69
CA HIS B 20 1.83 7.61 16.34
C HIS B 20 2.15 9.10 16.29
N ALA B 21 1.81 9.83 17.35
CA ALA B 21 2.13 11.24 17.41
C ALA B 21 3.66 11.31 17.39
N PHE B 22 4.31 10.45 18.19
CA PHE B 22 5.76 10.40 18.22
C PHE B 22 6.30 9.96 16.85
N ALA B 23 5.62 9.02 16.22
CA ALA B 23 6.06 8.55 14.91
C ALA B 23 6.06 9.72 13.94
N LEU B 24 4.94 10.45 13.90
CA LEU B 24 4.84 11.59 12.99
C LEU B 24 5.96 12.61 13.22
N GLU B 25 6.10 13.07 14.45
CA GLU B 25 7.13 14.06 14.75
C GLU B 25 8.54 13.56 14.55
N SER B 26 8.82 12.35 15.04
CA SER B 26 10.16 11.76 14.90
C SER B 26 10.54 11.65 13.42
N LEU B 27 9.59 11.28 12.58
CA LEU B 27 9.88 11.13 11.15
C LEU B 27 9.73 12.43 10.36
N GLY B 28 9.49 13.53 11.08
CA GLY B 28 9.35 14.82 10.43
C GLY B 28 8.21 14.91 9.43
N LEU B 29 7.10 14.25 9.73
CA LEU B 29 5.93 14.25 8.85
C LEU B 29 4.81 15.08 9.45
N GLU B 30 4.02 15.71 8.58
CA GLU B 30 2.90 16.51 9.04
C GLU B 30 1.61 15.71 8.93
N GLY B 31 0.91 15.57 10.05
CA GLY B 31 -0.33 14.82 10.06
C GLY B 31 -0.82 14.60 11.48
N SER B 32 -1.88 13.80 11.62
CA SER B 32 -2.43 13.52 12.94
C SER B 32 -2.99 12.11 13.03
N TYR B 33 -3.08 11.61 14.26
CA TYR B 33 -3.62 10.30 14.54
C TYR B 33 -4.62 10.51 15.67
N GLU B 34 -5.91 10.36 15.38
CA GLU B 34 -6.93 10.60 16.38
C GLU B 34 -7.72 9.37 16.81
N ALA B 35 -8.21 9.41 18.04
CA ALA B 35 -9.01 8.34 18.58
C ALA B 35 -10.45 8.69 18.17
N TRP B 36 -11.09 7.79 17.46
CA TRP B 36 -12.46 8.04 17.01
C TRP B 36 -13.36 6.91 17.48
N ASP B 37 -14.18 7.19 18.49
CA ASP B 37 -15.09 6.19 19.03
C ASP B 37 -16.05 5.70 17.97
N THR B 38 -16.06 4.39 17.76
CA THR B 38 -16.92 3.82 16.74
C THR B 38 -17.57 2.50 17.13
N PRO B 39 -18.84 2.55 17.56
CA PRO B 39 -19.53 1.32 17.93
C PRO B 39 -19.72 0.48 16.67
N LEU B 40 -19.92 -0.82 16.84
CA LEU B 40 -20.09 -1.71 15.69
C LEU B 40 -21.12 -1.19 14.68
N GLU B 41 -22.11 -0.46 15.19
CA GLU B 41 -23.17 0.10 14.38
C GLU B 41 -22.70 1.20 13.42
N ALA B 42 -21.66 1.93 13.80
CA ALA B 42 -21.14 3.01 12.97
C ALA B 42 -20.03 2.58 12.02
N LEU B 43 -19.58 1.34 12.13
CA LEU B 43 -18.51 0.83 11.29
C LEU B 43 -18.69 1.10 9.80
N PRO B 44 -19.88 0.77 9.24
CA PRO B 44 -20.14 0.99 7.82
C PRO B 44 -19.89 2.43 7.37
N GLY B 45 -20.60 3.37 7.98
CA GLY B 45 -20.44 4.76 7.63
C GLY B 45 -19.05 5.28 7.90
N ARG B 46 -18.42 4.79 8.97
CA ARG B 46 -17.09 5.24 9.32
C ARG B 46 -16.07 4.84 8.25
N LEU B 47 -16.16 3.63 7.73
CA LEU B 47 -15.22 3.17 6.71
C LEU B 47 -15.34 3.99 5.45
N LYS B 48 -16.57 4.27 5.02
CA LYS B 48 -16.77 5.08 3.83
C LYS B 48 -16.07 6.41 4.03
N GLU B 49 -16.08 6.89 5.27
CA GLU B 49 -15.44 8.15 5.60
C GLU B 49 -13.92 7.95 5.49
N VAL B 50 -13.47 6.76 5.83
CA VAL B 50 -12.04 6.43 5.76
C VAL B 50 -11.60 6.39 4.30
N ARG B 51 -12.41 5.75 3.45
CA ARG B 51 -12.10 5.66 2.04
C ARG B 51 -11.78 7.03 1.45
N ARG B 52 -12.44 8.07 1.96
CA ARG B 52 -12.22 9.40 1.42
C ARG B 52 -11.36 10.41 2.18
N ALA B 53 -11.11 10.22 3.47
CA ALA B 53 -10.34 11.22 4.20
C ALA B 53 -9.16 10.74 5.05
N PHE B 54 -8.94 9.43 5.09
CA PHE B 54 -7.82 8.93 5.89
C PHE B 54 -6.89 8.00 5.09
N ARG B 55 -5.59 8.17 5.31
CA ARG B 55 -4.60 7.35 4.64
C ARG B 55 -4.67 5.95 5.23
N GLY B 56 -5.03 5.89 6.51
CA GLY B 56 -5.10 4.60 7.18
C GLY B 56 -5.66 4.72 8.61
N VAL B 57 -6.05 3.55 9.14
CA VAL B 57 -6.56 3.51 10.51
C VAL B 57 -6.29 2.14 11.15
N ASN B 58 -6.25 2.13 12.49
CA ASN B 58 -6.21 0.87 13.23
C ASN B 58 -7.62 0.49 13.72
N LEU B 59 -7.88 -0.81 13.81
CA LEU B 59 -9.16 -1.22 14.36
C LEU B 59 -8.96 -1.96 15.69
N THR B 60 -9.70 -1.51 16.71
CA THR B 60 -9.74 -2.26 17.95
C THR B 60 -11.17 -2.74 18.24
N LEU B 61 -11.34 -3.50 19.33
CA LEU B 61 -12.70 -3.97 19.65
C LEU B 61 -13.68 -2.81 19.61
N PRO B 62 -14.93 -3.10 19.18
CA PRO B 62 -15.34 -4.42 18.70
C PRO B 62 -15.47 -4.51 17.17
N LEU B 63 -14.49 -3.95 16.41
CA LEU B 63 -14.67 -3.87 14.95
C LEU B 63 -13.82 -4.86 14.14
N LYS B 64 -12.86 -5.51 14.83
CA LYS B 64 -11.83 -6.29 14.11
C LYS B 64 -12.37 -7.44 13.26
N GLU B 65 -13.55 -7.97 13.66
CA GLU B 65 -14.09 -9.12 12.93
C GLU B 65 -15.01 -8.69 11.78
N ALA B 66 -15.92 -7.76 12.12
CA ALA B 66 -16.92 -7.32 11.15
C ALA B 66 -16.35 -6.34 10.13
N ALA B 67 -15.03 -6.14 10.14
CA ALA B 67 -14.43 -5.22 9.18
C ALA B 67 -14.03 -5.90 7.88
N LEU B 68 -13.63 -7.16 7.97
CA LEU B 68 -13.20 -7.91 6.79
C LEU B 68 -14.17 -7.83 5.61
N ALA B 69 -15.45 -7.93 5.90
CA ALA B 69 -16.46 -7.89 4.85
C ALA B 69 -16.53 -6.58 4.08
N HIS B 70 -16.37 -5.46 4.77
CA HIS B 70 -16.44 -4.15 4.14
C HIS B 70 -15.17 -3.72 3.40
N LEU B 71 -14.13 -4.55 3.45
CA LEU B 71 -12.88 -4.20 2.79
C LEU B 71 -12.79 -4.78 1.39
N ASP B 72 -11.91 -4.21 0.58
CA ASP B 72 -11.73 -4.66 -0.79
C ASP B 72 -10.72 -5.80 -0.89
N TRP B 73 -9.85 -5.91 0.10
CA TRP B 73 -8.83 -6.95 0.12
C TRP B 73 -8.34 -7.16 1.55
N VAL B 74 -8.21 -8.42 1.94
CA VAL B 74 -7.75 -8.77 3.29
C VAL B 74 -6.54 -9.69 3.16
N SER B 75 -5.51 -9.44 3.96
CA SER B 75 -4.31 -10.27 3.90
C SER B 75 -4.61 -11.72 4.29
N PRO B 76 -3.82 -12.66 3.76
CA PRO B 76 -4.00 -14.09 4.06
C PRO B 76 -3.94 -14.29 5.56
N GLU B 77 -2.93 -13.67 6.19
CA GLU B 77 -2.76 -13.77 7.62
C GLU B 77 -4.00 -13.24 8.34
N ALA B 78 -4.46 -12.07 7.92
CA ALA B 78 -5.65 -11.47 8.54
C ALA B 78 -6.89 -12.33 8.28
N GLN B 79 -6.90 -13.06 7.17
CA GLN B 79 -8.05 -13.90 6.85
C GLN B 79 -8.10 -15.11 7.77
N ARG B 80 -6.96 -15.75 7.97
CA ARG B 80 -6.91 -16.92 8.84
C ARG B 80 -7.23 -16.51 10.27
N ILE B 81 -6.47 -15.57 10.82
CA ILE B 81 -6.71 -15.08 12.17
C ILE B 81 -8.17 -14.67 12.29
N GLY B 82 -8.70 -14.06 11.24
CA GLY B 82 -10.08 -13.63 11.26
C GLY B 82 -10.25 -12.24 11.85
N ALA B 83 -9.15 -11.53 11.99
CA ALA B 83 -9.19 -10.18 12.55
C ALA B 83 -8.26 -9.22 11.82
N VAL B 84 -8.74 -7.99 11.65
CA VAL B 84 -7.98 -6.93 11.00
C VAL B 84 -7.82 -5.79 12.00
N ASN B 85 -6.58 -5.34 12.20
CA ASN B 85 -6.33 -4.24 13.13
C ASN B 85 -5.69 -3.06 12.41
N THR B 86 -5.37 -3.24 11.14
CA THR B 86 -4.75 -2.19 10.35
C THR B 86 -5.36 -2.08 8.96
N VAL B 87 -5.92 -0.91 8.66
CA VAL B 87 -6.53 -0.67 7.36
C VAL B 87 -5.76 0.38 6.57
N LEU B 88 -5.47 0.07 5.32
CA LEU B 88 -4.76 0.99 4.43
C LEU B 88 -5.71 1.50 3.36
N GLN B 89 -5.66 2.80 3.07
CA GLN B 89 -6.53 3.40 2.06
C GLN B 89 -5.76 3.96 0.88
N VAL B 90 -5.95 3.33 -0.27
CA VAL B 90 -5.31 3.78 -1.50
C VAL B 90 -6.34 3.88 -2.60
N GLU B 91 -6.36 5.02 -3.28
CA GLU B 91 -7.29 5.24 -4.38
C GLU B 91 -8.74 4.91 -4.02
N GLY B 92 -9.14 5.22 -2.79
CA GLY B 92 -10.50 4.94 -2.37
C GLY B 92 -10.77 3.48 -2.06
N ARG B 93 -9.74 2.65 -2.12
CA ARG B 93 -9.89 1.24 -1.82
C ARG B 93 -9.36 0.97 -0.41
N LEU B 94 -9.97 0.00 0.29
CA LEU B 94 -9.55 -0.34 1.64
C LEU B 94 -8.96 -1.74 1.70
N PHE B 95 -7.74 -1.83 2.20
CA PHE B 95 -7.03 -3.10 2.33
C PHE B 95 -6.81 -3.39 3.80
N GLY B 96 -7.14 -4.61 4.22
CA GLY B 96 -6.97 -4.97 5.62
C GLY B 96 -5.79 -5.87 5.95
N PHE B 97 -5.11 -5.57 7.05
CA PHE B 97 -3.96 -6.35 7.48
C PHE B 97 -4.03 -6.60 8.99
N ASN B 98 -3.14 -7.45 9.48
CA ASN B 98 -3.07 -7.74 10.91
C ASN B 98 -1.60 -7.58 11.31
N THR B 99 -1.29 -6.46 11.95
CA THR B 99 0.08 -6.18 12.38
C THR B 99 0.40 -6.78 13.75
N ASP B 100 -0.62 -7.31 14.44
CA ASP B 100 -0.39 -7.91 15.75
C ASP B 100 0.51 -9.14 15.68
N ALA B 101 0.22 -10.04 14.74
CA ALA B 101 1.01 -11.25 14.59
C ALA B 101 2.50 -10.93 14.34
N PRO B 102 2.80 -10.16 13.28
CA PRO B 102 4.21 -9.85 13.04
C PRO B 102 4.82 -8.94 14.12
N GLY B 103 3.99 -8.08 14.70
CA GLY B 103 4.49 -7.19 15.72
C GLY B 103 4.97 -8.00 16.92
N PHE B 104 4.16 -8.99 17.28
CA PHE B 104 4.47 -9.87 18.39
C PHE B 104 5.84 -10.49 18.18
N LEU B 105 6.01 -11.14 17.02
CA LEU B 105 7.27 -11.78 16.67
C LEU B 105 8.47 -10.84 16.74
N GLU B 106 8.34 -9.67 16.13
CA GLU B 106 9.43 -8.69 16.14
C GLU B 106 9.72 -8.17 17.55
N ALA B 107 8.70 -8.17 18.39
CA ALA B 107 8.87 -7.70 19.77
C ALA B 107 9.77 -8.65 20.54
N LEU B 108 9.49 -9.95 20.43
CA LEU B 108 10.31 -10.95 21.11
C LEU B 108 11.76 -10.81 20.65
N LYS B 109 11.97 -10.89 19.35
CA LYS B 109 13.31 -10.78 18.78
C LYS B 109 14.04 -9.56 19.33
N ALA B 110 13.45 -8.38 19.12
CA ALA B 110 14.07 -7.15 19.59
C ALA B 110 14.30 -7.19 21.10
N GLY B 111 13.32 -7.77 21.81
CA GLY B 111 13.40 -7.83 23.27
C GLY B 111 14.58 -8.69 23.74
N GLY B 112 15.09 -9.53 22.81
CA GLY B 112 16.26 -10.34 23.13
C GLY B 112 15.87 -11.80 23.38
N ILE B 113 14.55 -12.05 23.34
CA ILE B 113 14.09 -13.40 23.59
C ILE B 113 14.17 -14.28 22.34
N PRO B 114 15.15 -15.20 22.34
CA PRO B 114 15.22 -16.21 21.30
C PRO B 114 13.94 -17.04 21.26
N LEU B 115 13.36 -17.13 20.06
CA LEU B 115 12.28 -18.08 19.87
C LEU B 115 12.80 -19.48 20.11
N LYS B 116 12.14 -20.19 21.04
CA LYS B 116 12.62 -21.53 21.35
C LYS B 116 11.56 -22.33 22.09
N GLY B 117 10.72 -23.03 21.34
CA GLY B 117 9.61 -23.75 21.95
C GLY B 117 9.89 -25.07 22.64
N PRO B 118 8.86 -25.91 22.85
CA PRO B 118 7.47 -25.62 22.45
C PRO B 118 6.91 -24.40 23.16
N ALA B 119 5.97 -23.72 22.50
CA ALA B 119 5.35 -22.53 23.05
C ALA B 119 3.91 -22.80 23.45
N LEU B 120 3.49 -22.23 24.58
CA LEU B 120 2.13 -22.40 25.06
C LEU B 120 1.38 -21.08 25.14
N VAL B 121 0.23 -21.03 24.48
CA VAL B 121 -0.61 -19.83 24.47
C VAL B 121 -1.83 -20.01 25.36
N LEU B 122 -1.93 -19.17 26.39
CA LEU B 122 -3.06 -19.23 27.31
C LEU B 122 -4.18 -18.35 26.78
N GLY B 123 -5.30 -18.97 26.43
CA GLY B 123 -6.42 -18.22 25.90
C GLY B 123 -6.59 -18.50 24.43
N ALA B 124 -7.80 -18.90 24.03
CA ALA B 124 -8.08 -19.21 22.64
C ALA B 124 -9.03 -18.19 22.04
N GLY B 125 -8.99 -16.97 22.57
CA GLY B 125 -9.85 -15.92 22.08
C GLY B 125 -9.15 -15.05 21.05
N GLY B 126 -9.66 -13.85 20.84
CA GLY B 126 -9.07 -12.93 19.86
C GLY B 126 -7.56 -12.81 19.92
N ALA B 127 -7.04 -12.39 21.07
CA ALA B 127 -5.60 -12.21 21.24
C ALA B 127 -4.86 -13.53 21.07
N GLY B 128 -5.43 -14.61 21.60
CA GLY B 128 -4.79 -15.90 21.48
C GLY B 128 -4.65 -16.32 20.03
N ARG B 129 -5.74 -16.22 19.28
CA ARG B 129 -5.73 -16.60 17.86
C ARG B 129 -4.59 -15.92 17.12
N ALA B 130 -4.45 -14.61 17.32
CA ALA B 130 -3.41 -13.85 16.64
C ALA B 130 -2.01 -14.35 16.99
N VAL B 131 -1.74 -14.52 18.29
CA VAL B 131 -0.44 -14.99 18.74
C VAL B 131 -0.15 -16.43 18.32
N ALA B 132 -1.17 -17.28 18.36
CA ALA B 132 -0.99 -18.68 18.00
C ALA B 132 -0.51 -18.77 16.55
N PHE B 133 -1.21 -18.08 15.66
CA PHE B 133 -0.87 -18.06 14.25
C PHE B 133 0.60 -17.69 14.06
N ALA B 134 1.00 -16.56 14.65
CA ALA B 134 2.37 -16.04 14.53
C ALA B 134 3.50 -16.99 14.92
N LEU B 135 3.39 -17.65 16.06
CA LEU B 135 4.45 -18.55 16.50
C LEU B 135 4.62 -19.78 15.60
N ARG B 136 3.50 -20.27 15.08
CA ARG B 136 3.52 -21.42 14.18
C ARG B 136 4.39 -21.06 12.97
N GLU B 137 3.97 -20.01 12.27
CA GLU B 137 4.67 -19.53 11.08
C GLU B 137 6.14 -19.23 11.32
N ALA B 138 6.51 -18.96 12.57
CA ALA B 138 7.89 -18.65 12.90
C ALA B 138 8.78 -19.89 12.97
N GLY B 139 8.17 -21.07 13.07
CA GLY B 139 8.93 -22.30 13.14
C GLY B 139 9.12 -22.86 14.53
N LEU B 140 8.07 -22.78 15.35
CA LEU B 140 8.09 -23.29 16.71
C LEU B 140 6.90 -24.22 16.90
N GLU B 141 6.98 -25.13 17.87
CA GLU B 141 5.89 -26.06 18.17
C GLU B 141 4.92 -25.29 19.08
N VAL B 142 3.61 -25.39 18.81
CA VAL B 142 2.66 -24.62 19.59
C VAL B 142 1.45 -25.35 20.20
N TRP B 143 1.25 -25.15 21.52
CA TRP B 143 0.13 -25.75 22.24
C TRP B 143 -0.79 -24.61 22.68
N VAL B 144 -2.07 -24.91 22.89
CA VAL B 144 -3.02 -23.90 23.32
C VAL B 144 -3.91 -24.38 24.46
N TRP B 145 -4.21 -23.45 25.36
CA TRP B 145 -5.08 -23.73 26.51
C TRP B 145 -6.13 -22.63 26.53
N ASN B 146 -7.25 -22.92 27.18
CA ASN B 146 -8.34 -21.95 27.30
C ASN B 146 -9.16 -22.33 28.54
N ARG B 147 -9.78 -21.34 29.17
CA ARG B 147 -10.62 -21.58 30.35
C ARG B 147 -11.52 -22.77 30.04
N THR B 148 -12.33 -22.57 29.00
CA THR B 148 -13.28 -23.52 28.46
C THR B 148 -12.49 -24.40 27.47
N PRO B 149 -12.27 -25.68 27.83
CA PRO B 149 -11.50 -26.58 26.97
C PRO B 149 -11.90 -26.69 25.50
N GLN B 150 -13.18 -26.49 25.20
CA GLN B 150 -13.67 -26.57 23.83
C GLN B 150 -12.87 -25.68 22.89
N ARG B 151 -13.03 -24.38 23.08
CA ARG B 151 -12.36 -23.37 22.26
C ARG B 151 -10.91 -23.70 21.97
N ALA B 152 -10.25 -24.37 22.91
CA ALA B 152 -8.84 -24.75 22.75
C ALA B 152 -8.66 -25.85 21.71
N LEU B 153 -9.36 -26.97 21.88
CA LEU B 153 -9.27 -28.08 20.95
C LEU B 153 -9.50 -27.66 19.51
N ALA B 154 -10.57 -26.91 19.28
CA ALA B 154 -10.90 -26.44 17.94
C ALA B 154 -9.75 -25.67 17.29
N LEU B 155 -9.22 -24.68 18.01
CA LEU B 155 -8.14 -23.86 17.49
C LEU B 155 -6.93 -24.71 17.13
N ALA B 156 -6.65 -25.71 17.95
CA ALA B 156 -5.53 -26.60 17.68
C ALA B 156 -5.79 -27.30 16.35
N GLU B 157 -7.07 -27.53 16.07
CA GLU B 157 -7.47 -28.19 14.82
C GLU B 157 -7.44 -27.24 13.63
N GLU B 158 -7.96 -26.04 13.83
CA GLU B 158 -8.01 -25.02 12.77
C GLU B 158 -6.63 -24.54 12.34
N PHE B 159 -5.75 -24.31 13.30
CA PHE B 159 -4.40 -23.84 13.03
C PHE B 159 -3.39 -24.97 13.02
N GLY B 160 -3.83 -26.17 13.41
CA GLY B 160 -2.92 -27.29 13.46
C GLY B 160 -1.99 -27.14 14.66
N LEU B 161 -2.56 -27.14 15.86
CA LEU B 161 -1.81 -26.99 17.09
C LEU B 161 -2.22 -28.09 18.07
N ARG B 162 -1.84 -27.94 19.33
CA ARG B 162 -2.19 -28.92 20.38
C ARG B 162 -2.87 -28.28 21.57
N ALA B 163 -4.09 -28.73 21.87
CA ALA B 163 -4.82 -28.22 23.02
C ALA B 163 -4.37 -29.05 24.24
N VAL B 164 -3.53 -28.46 25.07
CA VAL B 164 -3.01 -29.12 26.26
C VAL B 164 -3.66 -28.63 27.55
N PRO B 165 -3.57 -29.44 28.62
CA PRO B 165 -4.15 -29.06 29.91
C PRO B 165 -3.19 -28.03 30.51
N LEU B 166 -3.68 -27.21 31.45
CA LEU B 166 -2.83 -26.20 32.06
C LEU B 166 -1.52 -26.76 32.59
N GLU B 167 -1.55 -28.00 33.06
CA GLU B 167 -0.37 -28.69 33.61
C GLU B 167 0.84 -28.70 32.66
N LYS B 168 0.58 -28.91 31.37
CA LYS B 168 1.64 -28.96 30.35
C LYS B 168 2.56 -27.74 30.34
N ALA B 169 2.09 -26.64 30.92
CA ALA B 169 2.88 -25.41 30.97
C ALA B 169 4.31 -25.66 31.44
N ARG B 170 4.48 -26.69 32.26
CA ARG B 170 5.79 -27.05 32.81
C ARG B 170 6.77 -27.54 31.76
N GLU B 171 6.24 -28.02 30.65
CA GLU B 171 7.04 -28.56 29.58
C GLU B 171 7.32 -27.59 28.44
N ALA B 172 6.88 -26.35 28.58
CA ALA B 172 7.10 -25.39 27.52
C ALA B 172 8.31 -24.51 27.76
N ARG B 173 8.72 -23.80 26.72
CA ARG B 173 9.85 -22.87 26.81
C ARG B 173 9.39 -21.46 26.52
N LEU B 174 8.17 -21.34 26.00
CA LEU B 174 7.60 -20.02 25.69
C LEU B 174 6.16 -19.98 26.18
N LEU B 175 5.89 -19.10 27.15
CA LEU B 175 4.56 -18.95 27.71
C LEU B 175 3.99 -17.61 27.31
N VAL B 176 2.74 -17.61 26.85
CA VAL B 176 2.09 -16.38 26.43
C VAL B 176 0.68 -16.27 27.01
N ASN B 177 0.45 -15.25 27.83
CA ASN B 177 -0.86 -15.04 28.42
C ASN B 177 -1.74 -14.21 27.50
N ALA B 178 -2.72 -14.86 26.87
CA ALA B 178 -3.63 -14.17 25.96
C ALA B 178 -5.01 -14.01 26.58
N THR B 179 -5.11 -14.19 27.90
CA THR B 179 -6.38 -14.07 28.59
C THR B 179 -6.42 -12.70 29.29
N ARG B 180 -7.53 -12.39 29.94
CA ARG B 180 -7.65 -11.12 30.65
C ARG B 180 -7.30 -11.26 32.11
N VAL B 181 -6.87 -12.45 32.51
CA VAL B 181 -6.51 -12.66 33.90
C VAL B 181 -5.29 -11.80 34.20
N GLY B 182 -5.40 -10.96 35.22
CA GLY B 182 -4.30 -10.08 35.58
C GLY B 182 -4.60 -8.62 35.25
N LEU B 183 -5.48 -8.41 34.27
CA LEU B 183 -5.87 -7.07 33.84
C LEU B 183 -6.39 -6.25 35.02
N GLU B 184 -5.62 -5.25 35.44
CA GLU B 184 -6.01 -4.40 36.56
C GLU B 184 -6.33 -5.29 37.76
N ASP B 185 -5.52 -6.34 37.93
CA ASP B 185 -5.71 -7.28 39.03
C ASP B 185 -4.32 -7.79 39.41
N PRO B 186 -3.50 -6.95 40.05
CA PRO B 186 -2.15 -7.29 40.47
C PRO B 186 -1.99 -8.63 41.19
N SER B 187 -3.05 -9.09 41.84
CA SER B 187 -2.97 -10.35 42.58
C SER B 187 -3.45 -11.57 41.80
N ALA B 188 -3.90 -11.36 40.57
CA ALA B 188 -4.41 -12.47 39.76
C ALA B 188 -3.47 -12.90 38.64
N SER B 189 -3.40 -14.21 38.43
CA SER B 189 -2.56 -14.80 37.38
C SER B 189 -3.26 -16.05 36.86
N PRO B 190 -3.21 -16.27 35.55
CA PRO B 190 -3.85 -17.44 34.95
C PRO B 190 -3.08 -18.74 35.18
N LEU B 191 -1.80 -18.61 35.55
CA LEU B 191 -0.96 -19.79 35.76
C LEU B 191 -0.38 -20.01 37.15
N PRO B 192 -0.79 -21.09 37.83
CA PRO B 192 -0.28 -21.40 39.16
C PRO B 192 1.24 -21.49 39.12
N ALA B 193 1.90 -20.80 40.05
CA ALA B 193 3.36 -20.78 40.12
C ALA B 193 4.00 -22.17 40.07
N GLU B 194 3.32 -23.16 40.63
CA GLU B 194 3.83 -24.52 40.65
C GLU B 194 3.84 -25.16 39.26
N LEU B 195 2.99 -24.66 38.37
CA LEU B 195 2.91 -25.19 37.02
C LEU B 195 3.84 -24.47 36.04
N PHE B 196 4.71 -23.62 36.58
CA PHE B 196 5.65 -22.88 35.74
C PHE B 196 6.79 -23.78 35.28
N PRO B 197 7.20 -23.67 34.00
CA PRO B 197 8.28 -24.49 33.46
C PRO B 197 9.58 -24.15 34.19
N GLU B 198 10.57 -25.02 34.15
CA GLU B 198 11.82 -24.74 34.84
C GLU B 198 12.67 -23.70 34.12
N GLU B 199 12.63 -23.71 32.79
CA GLU B 199 13.40 -22.75 32.00
C GLU B 199 12.57 -22.25 30.84
N GLY B 200 12.97 -21.11 30.28
CA GLY B 200 12.24 -20.56 29.15
C GLY B 200 12.01 -19.07 29.27
N ALA B 201 10.87 -18.62 28.75
CA ALA B 201 10.52 -17.21 28.78
C ALA B 201 9.02 -17.07 28.78
N ALA B 202 8.52 -15.95 29.30
CA ALA B 202 7.08 -15.71 29.34
C ALA B 202 6.75 -14.30 28.89
N VAL B 203 5.64 -14.16 28.17
CA VAL B 203 5.20 -12.87 27.68
C VAL B 203 3.74 -12.69 28.04
N ASP B 204 3.42 -11.52 28.59
CA ASP B 204 2.04 -11.22 28.96
C ASP B 204 1.58 -10.09 28.05
N LEU B 205 0.42 -10.26 27.42
CA LEU B 205 -0.11 -9.22 26.54
C LEU B 205 -0.88 -8.18 27.34
N VAL B 206 -1.12 -8.48 28.61
CA VAL B 206 -1.81 -7.56 29.51
C VAL B 206 -0.73 -6.58 30.00
N TYR B 207 -0.92 -5.27 29.77
CA TYR B 207 0.07 -4.30 30.21
C TYR B 207 -0.46 -3.31 31.26
N ARG B 208 -1.62 -3.63 31.83
CA ARG B 208 -2.23 -2.81 32.87
C ARG B 208 -2.70 -3.78 33.95
N PRO B 209 -1.91 -3.95 35.03
CA PRO B 209 -0.62 -3.30 35.28
C PRO B 209 0.48 -3.81 34.34
N LEU B 210 1.57 -3.06 34.24
CA LEU B 210 2.68 -3.44 33.37
C LEU B 210 3.33 -4.74 33.85
N TRP B 211 3.64 -4.81 35.15
CA TRP B 211 4.24 -6.02 35.69
C TRP B 211 3.18 -6.79 36.47
N THR B 212 2.50 -7.68 35.74
CA THR B 212 1.44 -8.51 36.28
C THR B 212 2.00 -9.60 37.18
N ARG B 213 1.13 -10.29 37.90
CA ARG B 213 1.58 -11.36 38.77
C ARG B 213 2.25 -12.44 37.92
N PHE B 214 1.64 -12.71 36.76
CA PHE B 214 2.15 -13.71 35.83
C PHE B 214 3.63 -13.49 35.53
N LEU B 215 4.00 -12.26 35.17
CA LEU B 215 5.38 -11.92 34.86
C LEU B 215 6.27 -11.88 36.10
N ARG B 216 5.72 -11.45 37.23
CA ARG B 216 6.49 -11.41 38.47
C ARG B 216 6.82 -12.84 38.87
N GLU B 217 5.82 -13.72 38.87
CA GLU B 217 6.06 -15.11 39.24
C GLU B 217 7.07 -15.70 38.27
N ALA B 218 6.84 -15.53 36.96
CA ALA B 218 7.75 -16.04 35.94
C ALA B 218 9.18 -15.54 36.15
N LYS B 219 9.33 -14.26 36.49
CA LYS B 219 10.64 -13.69 36.73
C LYS B 219 11.28 -14.35 37.95
N ALA B 220 10.47 -14.52 39.00
CA ALA B 220 10.95 -15.15 40.23
C ALA B 220 11.39 -16.58 39.95
N LYS B 221 10.71 -17.23 39.01
CA LYS B 221 11.02 -18.60 38.65
C LYS B 221 12.20 -18.72 37.70
N GLY B 222 12.85 -17.61 37.39
CA GLY B 222 14.02 -17.65 36.53
C GLY B 222 13.80 -17.49 35.03
N LEU B 223 12.54 -17.45 34.60
CA LEU B 223 12.23 -17.30 33.18
C LEU B 223 12.49 -15.88 32.70
N LYS B 224 12.82 -15.73 31.42
CA LYS B 224 13.02 -14.39 30.87
C LYS B 224 11.60 -13.86 30.65
N VAL B 225 11.41 -12.57 30.88
CA VAL B 225 10.08 -12.00 30.71
C VAL B 225 10.03 -10.78 29.81
N GLN B 226 8.84 -10.50 29.29
CA GLN B 226 8.63 -9.35 28.43
C GLN B 226 7.21 -8.85 28.69
N THR B 227 7.08 -7.56 28.94
CA THR B 227 5.77 -6.96 29.19
C THR B 227 5.01 -6.92 27.87
N GLY B 228 3.81 -6.35 27.90
CA GLY B 228 3.02 -6.27 26.68
C GLY B 228 3.31 -5.06 25.81
N LEU B 229 4.05 -4.09 26.33
CA LEU B 229 4.35 -2.88 25.56
C LEU B 229 5.14 -3.08 24.26
N PRO B 230 6.21 -3.87 24.30
CA PRO B 230 7.02 -4.10 23.09
C PRO B 230 6.16 -4.51 21.89
N MET B 231 5.21 -5.42 22.12
CA MET B 231 4.33 -5.88 21.06
C MET B 231 3.45 -4.74 20.56
N LEU B 232 2.96 -3.95 21.50
CA LEU B 232 2.12 -2.81 21.18
C LEU B 232 2.92 -1.84 20.33
N ALA B 233 4.17 -1.60 20.73
CA ALA B 233 5.04 -0.69 20.01
C ALA B 233 5.35 -1.16 18.59
N TRP B 234 5.60 -2.46 18.44
CA TRP B 234 5.91 -3.01 17.13
C TRP B 234 4.72 -3.09 16.18
N GLN B 235 3.54 -3.45 16.68
CA GLN B 235 2.38 -3.52 15.81
C GLN B 235 2.10 -2.12 15.30
N GLY B 236 2.34 -1.13 16.17
CA GLY B 236 2.12 0.26 15.80
C GLY B 236 3.14 0.74 14.78
N ALA B 237 4.42 0.43 15.01
CA ALA B 237 5.46 0.83 14.09
C ALA B 237 5.25 0.16 12.73
N LEU B 238 4.81 -1.10 12.74
CA LEU B 238 4.57 -1.85 11.52
C LEU B 238 3.39 -1.27 10.76
N ALA B 239 2.36 -0.87 11.48
CA ALA B 239 1.18 -0.26 10.89
C ALA B 239 1.58 1.04 10.20
N PHE B 240 2.40 1.84 10.88
CA PHE B 240 2.85 3.10 10.29
C PHE B 240 3.62 2.84 9.00
N ARG B 241 4.49 1.83 9.03
CA ARG B 241 5.30 1.46 7.87
C ARG B 241 4.35 1.09 6.72
N LEU B 242 3.33 0.31 7.05
CA LEU B 242 2.34 -0.11 6.07
C LEU B 242 1.73 1.12 5.39
N TRP B 243 1.36 2.11 6.20
CA TRP B 243 0.75 3.33 5.70
C TRP B 243 1.64 4.26 4.89
N THR B 244 2.88 4.46 5.32
CA THR B 244 3.78 5.39 4.63
C THR B 244 5.09 4.79 4.09
N GLY B 245 5.43 3.59 4.52
CA GLY B 245 6.67 2.99 4.07
C GLY B 245 7.85 3.35 4.94
N LEU B 246 7.59 4.12 6.01
CA LEU B 246 8.64 4.51 6.94
C LEU B 246 8.35 3.86 8.29
N LEU B 247 9.39 3.31 8.93
CA LEU B 247 9.23 2.65 10.23
C LEU B 247 9.70 3.54 11.38
N PRO B 248 8.78 3.93 12.27
CA PRO B 248 9.22 4.77 13.38
C PRO B 248 9.99 3.89 14.38
N ASP B 249 10.96 4.47 15.08
CA ASP B 249 11.74 3.71 16.05
C ASP B 249 10.79 3.02 17.02
N PRO B 250 10.75 1.68 17.02
CA PRO B 250 9.88 0.94 17.93
C PRO B 250 10.15 1.25 19.40
N SER B 251 11.41 1.58 19.70
CA SER B 251 11.81 1.90 21.06
C SER B 251 11.13 3.20 21.45
N GLY B 252 11.18 4.16 20.54
CA GLY B 252 10.56 5.45 20.78
C GLY B 252 9.05 5.29 20.89
N MET B 253 8.51 4.32 20.15
CA MET B 253 7.07 4.05 20.17
C MET B 253 6.70 3.51 21.55
N GLU B 254 7.53 2.60 22.07
CA GLU B 254 7.29 2.03 23.38
C GLU B 254 7.39 3.09 24.46
N GLU B 255 8.44 3.91 24.40
CA GLU B 255 8.62 4.97 25.39
C GLU B 255 7.43 5.93 25.39
N ALA B 256 6.95 6.27 24.20
CA ALA B 256 5.79 7.15 24.09
C ALA B 256 4.61 6.48 24.78
N ALA B 257 4.52 5.16 24.59
CA ALA B 257 3.44 4.38 25.19
C ALA B 257 3.52 4.40 26.71
N ARG B 258 4.71 4.18 27.25
CA ARG B 258 4.91 4.16 28.69
C ARG B 258 4.58 5.52 29.30
N ARG B 259 5.06 6.58 28.67
CA ARG B 259 4.80 7.94 29.14
C ARG B 259 3.28 8.14 29.19
N ALA B 260 2.58 7.69 28.15
CA ALA B 260 1.13 7.81 28.11
C ALA B 260 0.52 7.04 29.29
N LEU B 261 1.05 5.86 29.55
CA LEU B 261 0.57 5.04 30.67
C LEU B 261 0.89 5.69 32.01
N GLY B 262 2.01 6.41 32.06
CA GLY B 262 2.42 7.08 33.28
C GLY B 262 3.20 6.16 34.21
N VAL B 263 3.72 5.07 33.64
CA VAL B 263 4.47 4.10 34.43
C VAL B 263 5.93 3.98 33.98
C ACT C . 3.18 -2.74 -21.98
O ACT C . 4.22 -2.26 -21.50
OXT ACT C . 2.65 -3.94 -21.77
CH3 ACT C . 2.40 -1.85 -22.93
S SO4 D . 3.31 12.69 -43.65
O1 SO4 D . 4.17 13.83 -44.42
O2 SO4 D . 3.44 11.50 -44.46
O3 SO4 D . 3.77 12.54 -42.43
O4 SO4 D . 1.97 13.18 -43.76
S SO4 E . -0.41 -2.83 -34.17
O1 SO4 E . 0.41 -3.36 -33.12
O2 SO4 E . -1.16 -1.65 -33.96
O3 SO4 E . 0.37 -2.62 -35.38
O4 SO4 E . -1.41 -3.94 -34.59
C ACT F . -6.46 17.54 5.04
O ACT F . -6.21 18.62 5.64
OXT ACT F . -5.70 16.89 4.18
CH3 ACT F . -7.79 16.91 5.36
C ACT G . -14.36 -18.58 26.79
O ACT G . -13.83 -18.57 25.66
OXT ACT G . -13.89 -19.11 27.90
CH3 ACT G . -15.71 -17.92 26.89
C ACT H . -20.28 -1.87 2.64
O ACT H . -19.21 -1.34 3.00
OXT ACT H . -20.46 -2.96 1.92
CH3 ACT H . -21.55 -1.15 3.07
S SO4 I . -12.63 -13.12 23.70
O1 SO4 I . -12.57 -13.93 25.11
O2 SO4 I . -13.49 -13.93 22.86
O3 SO4 I . -13.07 -11.92 23.87
O4 SO4 I . -11.27 -13.23 23.22
#